data_1FV9
#
_entry.id   1FV9
#
_cell.length_a   55.160
_cell.length_b   53.000
_cell.length_c   82.300
_cell.angle_alpha   90.00
_cell.angle_beta   90.00
_cell.angle_gamma   90.00
#
_symmetry.space_group_name_H-M   'P 21 21 21'
#
loop_
_entity.id
_entity.type
_entity.pdbx_description
1 polymer UROKINASE
2 non-polymer 'SULFATE ION'
3 non-polymer 2-AMINO-5-HYDROXY-BENZIMIDAZOLE
#
_entity_poly.entity_id   1
_entity_poly.type   'polypeptide(L)'
_entity_poly.pdbx_seq_one_letter_code
;IIGGEFTTIENQPWFAAIYRRHRGGSVTYVCGGSLMSPCWVISATHCFIDYPKKEDYIVYLGRSRLNSNTQGEMKFEVEN
LILHKDYSADTLAHHNDIALLKIRSKEGRCAQPSRTIQTIALPSMYNDPQFGTSCEITGFGKENSTDYLYPEQLKMTVVK
LISHRECQQPHYYGSEVTTKMLCAADPQWKTDSCQGDSGGPLVCSLQGRMTLTGIVSWGRGCALKDKPGVYTRVSHFLPW
IRSHT
;
_entity_poly.pdbx_strand_id   A
#
loop_
_chem_comp.id
_chem_comp.type
_chem_comp.name
_chem_comp.formula
172 non-polymer 2-AMINO-5-HYDROXY-BENZIMIDAZOLE 'C7 H7 N3 O'
SO4 non-polymer 'SULFATE ION' 'O4 S -2'
#
# COMPACT_ATOMS: atom_id res chain seq x y z
N ILE A 1 -8.69 -0.80 7.86
CA ILE A 1 -8.23 -2.16 8.25
C ILE A 1 -9.22 -2.74 9.32
N ILE A 2 -9.43 -4.03 9.21
CA ILE A 2 -10.50 -4.65 9.86
C ILE A 2 -9.84 -5.38 10.95
N GLY A 3 -8.55 -5.09 11.14
CA GLY A 3 -7.78 -5.74 12.18
C GLY A 3 -7.41 -4.95 13.41
N GLY A 4 -6.25 -5.38 13.96
CA GLY A 4 -5.89 -5.09 15.34
C GLY A 4 -5.91 -3.64 15.73
N GLU A 5 -4.77 -2.98 15.57
CA GLU A 5 -4.48 -1.81 16.40
C GLU A 5 -4.49 -0.41 15.76
N PHE A 6 -4.61 0.62 16.57
CA PHE A 6 -4.49 2.01 16.13
C PHE A 6 -3.05 2.27 16.49
N THR A 7 -2.30 2.97 15.59
CA THR A 7 -0.85 3.17 15.73
C THR A 7 -0.67 4.69 15.42
N THR A 8 0.61 5.16 15.37
CA THR A 8 1.10 6.46 15.01
C THR A 8 2.26 6.36 14.08
N ILE A 9 2.51 7.40 13.39
CA ILE A 9 3.36 7.40 12.29
C ILE A 9 4.75 6.90 12.48
N GLU A 10 5.31 7.11 13.67
CA GLU A 10 6.74 6.75 13.85
C GLU A 10 6.97 5.21 13.93
N ASN A 11 5.88 4.46 14.05
CA ASN A 11 5.89 3.01 13.87
C ASN A 11 5.68 2.64 12.43
N GLN A 12 5.42 3.65 11.58
CA GLN A 12 5.09 3.62 10.13
C GLN A 12 5.87 4.73 9.41
N PRO A 13 7.16 4.97 9.63
CA PRO A 13 7.70 6.25 9.25
C PRO A 13 7.89 6.30 7.72
N TRP A 14 7.34 5.32 7.03
CA TRP A 14 7.36 5.42 5.60
C TRP A 14 6.01 5.59 4.94
N PHE A 15 4.92 5.73 5.72
CA PHE A 15 3.58 5.62 5.12
C PHE A 15 3.30 6.82 4.27
N ALA A 16 2.73 6.61 3.14
CA ALA A 16 2.29 7.71 2.35
C ALA A 16 0.87 7.96 2.11
N ALA A 17 0.34 8.93 2.79
CA ALA A 17 -1.00 9.34 2.50
C ALA A 17 -1.13 10.17 1.21
N ILE A 18 -1.79 9.61 0.16
CA ILE A 18 -2.12 10.35 -1.08
C ILE A 18 -3.60 10.90 -1.21
N TYR A 19 -3.78 12.25 -1.36
CA TYR A 19 -5.10 12.98 -1.54
C TYR A 19 -5.34 13.51 -2.92
N ARG A 20 -6.63 13.44 -3.40
CA ARG A 20 -7.05 14.08 -4.62
C ARG A 20 -7.49 15.42 -4.25
N ARG A 21 -7.24 16.36 -5.09
CA ARG A 21 -7.71 17.70 -4.91
C ARG A 21 -8.96 17.70 -5.76
N HIS A 22 -9.97 18.40 -5.35
CA HIS A 22 -11.00 18.54 -6.34
C HIS A 22 -11.27 19.91 -7.04
N ARG A 23 -12.01 19.84 -8.17
CA ARG A 23 -12.51 20.96 -8.88
C ARG A 23 -13.48 21.59 -7.94
N GLY A 24 -12.98 22.64 -7.29
CA GLY A 24 -13.69 23.31 -6.23
C GLY A 24 -13.54 22.57 -4.92
N GLY A 25 -14.39 21.53 -4.78
CA GLY A 25 -14.70 20.93 -3.49
C GLY A 25 -13.65 20.06 -2.82
N SER A 26 -12.43 20.50 -2.88
CA SER A 26 -11.51 20.02 -1.92
C SER A 26 -11.09 18.61 -2.02
N VAL A 27 -10.67 18.05 -0.88
CA VAL A 27 -9.68 17.02 -0.99
C VAL A 27 -10.06 15.75 -0.32
N THR A 28 -10.00 14.65 -1.06
CA THR A 28 -10.53 13.41 -0.53
C THR A 28 -9.31 12.46 -0.67
N TYR A 29 -9.18 11.51 0.30
CA TYR A 29 -8.11 10.52 0.43
C TYR A 29 -8.13 9.49 -0.64
N VAL A 30 -7.04 9.39 -1.31
CA VAL A 30 -6.90 8.38 -2.27
C VAL A 30 -6.37 7.05 -1.67
N CYS A 31 -5.10 6.99 -1.27
CA CYS A 31 -4.46 5.70 -0.96
C CYS A 31 -3.22 5.93 -0.13
N GLY A 32 -2.69 4.88 0.39
CA GLY A 32 -1.38 4.92 0.99
C GLY A 32 -0.34 4.49 -0.04
N GLY A 33 0.86 4.16 0.43
CA GLY A 33 2.01 3.94 -0.44
C GLY A 33 3.24 3.94 0.44
N SER A 34 4.40 4.00 -0.14
CA SER A 34 5.45 3.94 0.85
C SER A 34 6.74 4.72 0.42
N LEU A 35 7.44 5.36 1.37
CA LEU A 35 8.60 6.13 1.01
C LEU A 35 9.83 5.34 0.63
N MET A 36 10.24 5.45 -0.62
CA MET A 36 11.46 4.78 -1.14
C MET A 36 12.80 5.38 -0.93
N SER A 37 12.86 6.63 -1.06
CA SER A 37 14.11 7.29 -1.15
C SER A 37 13.51 8.67 -1.25
N PRO A 38 14.18 9.70 -0.71
CA PRO A 38 13.51 10.94 -0.42
C PRO A 38 12.62 11.52 -1.55
N CYS A 39 12.88 11.11 -2.82
CA CYS A 39 12.09 11.48 -4.00
C CYS A 39 10.95 10.56 -4.40
N TRP A 40 10.69 9.48 -3.65
CA TRP A 40 9.83 8.49 -4.29
C TRP A 40 8.84 7.73 -3.44
N VAL A 41 7.64 7.51 -3.94
CA VAL A 41 6.75 6.73 -3.11
C VAL A 41 6.21 5.62 -3.96
N ILE A 42 5.72 4.55 -3.37
CA ILE A 42 5.33 3.42 -4.22
C ILE A 42 3.96 2.95 -3.87
N SER A 43 3.15 2.66 -4.85
CA SER A 43 1.70 2.39 -4.64
C SER A 43 1.08 1.72 -5.81
N ALA A 44 -0.21 1.88 -5.98
CA ALA A 44 -0.77 1.02 -6.98
C ALA A 44 -1.63 1.73 -8.07
N THR A 45 -1.35 1.45 -9.40
CA THR A 45 -2.08 2.24 -10.42
C THR A 45 -3.54 2.24 -10.30
N HIS A 46 -4.11 1.17 -9.78
CA HIS A 46 -5.54 1.14 -9.69
C HIS A 46 -6.03 2.37 -8.95
N CYS A 47 -5.20 2.93 -8.09
CA CYS A 47 -5.65 4.11 -7.46
C CYS A 47 -5.78 5.33 -8.40
N PHE A 48 -4.86 5.47 -9.36
CA PHE A 48 -4.81 6.70 -10.12
C PHE A 48 -5.20 6.62 -11.55
N ILE A 49 -5.23 5.45 -12.10
CA ILE A 49 -5.43 5.25 -13.53
C ILE A 49 -6.72 5.93 -14.12
N ASP A 50 -7.81 5.96 -13.35
CA ASP A 50 -8.95 6.75 -13.85
C ASP A 50 -8.72 8.27 -13.92
N TYR A 51 -7.86 8.81 -12.99
CA TYR A 51 -7.64 10.25 -12.75
C TYR A 51 -6.23 10.73 -12.91
N PRO A 52 -5.48 10.60 -14.04
CA PRO A 52 -4.00 10.61 -14.09
C PRO A 52 -3.21 11.89 -14.19
N LYS A 53 -3.78 12.99 -13.71
CA LYS A 53 -3.11 14.24 -13.91
C LYS A 53 -2.35 14.37 -12.65
N LYS A 54 -1.09 14.08 -12.72
CA LYS A 54 -0.28 14.18 -11.62
C LYS A 54 -0.61 15.43 -10.79
N GLU A 55 -0.86 16.55 -11.45
CA GLU A 55 -1.16 17.71 -10.60
C GLU A 55 -2.27 17.78 -9.56
N ASP A 56 -3.18 16.78 -9.54
CA ASP A 56 -4.28 16.81 -8.53
C ASP A 56 -4.05 16.19 -7.20
N TYR A 57 -2.97 15.39 -7.08
CA TYR A 57 -2.55 14.70 -5.82
C TYR A 57 -1.72 15.55 -4.93
N ILE A 58 -1.78 15.26 -3.66
CA ILE A 58 -1.16 15.95 -2.57
C ILE A 58 -0.86 14.69 -1.71
N VAL A 59 0.44 14.19 -1.69
CA VAL A 59 0.77 13.12 -0.72
C VAL A 59 1.46 13.65 0.49
N TYR A 60 1.40 12.94 1.60
CA TYR A 60 2.03 13.42 2.85
C TYR A 60 2.90 12.35 3.37
N LEU A 61 4.02 12.76 4.03
CA LEU A 61 4.77 11.84 4.94
C LEU A 61 4.70 12.44 6.31
N GLY A 62 4.86 11.59 7.31
CA GLY A 62 4.82 12.03 8.68
C GLY A 62 3.47 12.43 9.26
N ARG A 63 2.35 12.20 8.48
CA ARG A 63 0.95 12.56 8.80
C ARG A 63 0.50 11.35 9.62
N SER A 64 -0.24 11.53 10.75
CA SER A 64 -0.65 10.40 11.59
C SER A 64 -2.12 10.08 11.60
N ARG A 65 -2.96 10.95 11.02
CA ARG A 65 -4.46 10.85 11.10
C ARG A 65 -5.10 11.53 9.88
N LEU A 66 -5.99 10.84 9.21
CA LEU A 66 -6.74 11.33 8.08
C LEU A 66 -6.99 12.83 7.85
N ASN A 67 -7.36 13.56 8.89
CA ASN A 67 -7.73 14.95 8.59
C ASN A 67 -7.28 15.97 9.60
N SER A 68 -6.10 15.75 10.11
CA SER A 68 -5.57 16.56 11.12
C SER A 68 -4.14 16.59 10.78
N ASN A 69 -3.58 17.76 10.93
CA ASN A 69 -2.18 18.02 10.77
C ASN A 69 -1.36 17.51 11.99
N THR A 70 -0.64 16.38 11.81
CA THR A 70 0.14 15.81 12.88
C THR A 70 1.54 16.38 12.99
N GLN A 71 2.21 16.07 14.10
CA GLN A 71 3.58 16.62 14.30
C GLN A 71 4.78 16.56 13.33
N GLY A 72 4.94 17.63 12.54
CA GLY A 72 6.13 17.80 11.74
C GLY A 72 6.05 17.14 10.37
N GLU A 73 4.81 16.98 9.86
CA GLU A 73 4.55 16.28 8.58
C GLU A 73 5.26 17.15 7.60
N MET A 74 5.39 16.68 6.37
CA MET A 74 5.78 17.59 5.29
C MET A 74 4.71 17.31 4.23
N LYS A 75 4.31 18.35 3.46
CA LYS A 75 3.31 18.27 2.38
C LYS A 75 4.03 18.07 1.00
N PHE A 76 3.41 17.26 0.06
CA PHE A 76 3.95 17.07 -1.30
C PHE A 76 3.10 17.14 -2.56
N GLU A 77 3.61 17.84 -3.54
CA GLU A 77 3.15 17.61 -4.90
C GLU A 77 3.89 16.37 -5.39
N VAL A 78 3.59 16.03 -6.62
CA VAL A 78 3.92 14.79 -7.25
C VAL A 78 4.43 15.28 -8.63
N GLU A 79 5.74 15.26 -8.82
CA GLU A 79 6.36 15.78 -10.05
C GLU A 79 6.16 14.86 -11.17
N ASN A 80 5.95 13.58 -10.84
CA ASN A 80 5.49 12.73 -11.91
C ASN A 80 4.90 11.51 -11.17
N LEU A 81 3.90 10.86 -11.80
CA LEU A 81 3.09 9.72 -11.37
C LEU A 81 3.35 8.79 -12.55
N ILE A 82 3.77 7.58 -12.26
CA ILE A 82 4.10 6.70 -13.43
C ILE A 82 3.32 5.37 -13.31
N LEU A 83 2.57 5.08 -14.32
CA LEU A 83 1.66 4.02 -14.14
C LEU A 83 2.16 2.91 -15.03
N HIS A 84 1.91 1.64 -14.62
CA HIS A 84 2.52 0.56 -15.37
C HIS A 84 1.88 0.44 -16.73
N LYS A 85 2.80 0.50 -17.71
CA LYS A 85 2.48 0.34 -19.07
C LYS A 85 1.58 -0.90 -19.43
N ASP A 86 1.30 -1.76 -18.43
CA ASP A 86 0.51 -2.95 -18.74
C ASP A 86 -0.74 -3.30 -17.84
N TYR A 87 -1.18 -2.37 -16.96
CA TYR A 87 -2.18 -2.73 -15.91
C TYR A 87 -3.61 -3.23 -16.34
N SER A 88 -4.17 -4.21 -15.63
CA SER A 88 -5.56 -4.62 -15.92
C SER A 88 -6.44 -5.09 -14.73
N ALA A 89 -7.66 -4.52 -14.66
CA ALA A 89 -8.63 -4.91 -13.63
C ALA A 89 -9.59 -6.07 -13.98
N ASP A 90 -9.08 -7.32 -13.81
CA ASP A 90 -9.96 -8.50 -13.95
C ASP A 90 -10.78 -8.67 -12.71
N THR A 91 -11.94 -9.33 -12.87
CA THR A 91 -12.98 -9.42 -11.89
C THR A 91 -12.34 -9.69 -10.63
N LEU A 92 -12.47 -8.74 -9.75
CA LEU A 92 -11.98 -8.76 -8.39
C LEU A 92 -10.47 -8.45 -8.64
N ALA A 93 -9.77 -9.35 -9.28
CA ALA A 93 -8.32 -9.27 -9.50
C ALA A 93 -7.55 -8.18 -10.20
N HIS A 94 -6.49 -7.68 -9.57
CA HIS A 94 -5.76 -6.69 -10.29
C HIS A 94 -4.46 -7.04 -10.81
N HIS A 95 -4.14 -6.48 -11.97
CA HIS A 95 -2.92 -6.74 -12.70
C HIS A 95 -1.85 -5.77 -12.88
N ASN A 96 -0.64 -6.20 -12.62
CA ASN A 96 0.61 -5.45 -12.52
C ASN A 96 0.22 -4.18 -11.79
N ASP A 97 -0.25 -4.33 -10.58
CA ASP A 97 -0.83 -3.18 -9.97
C ASP A 97 0.34 -2.55 -9.27
N ILE A 98 1.08 -1.66 -9.95
CA ILE A 98 2.17 -0.93 -9.27
C ILE A 98 2.20 0.48 -9.78
N ALA A 99 2.46 1.46 -8.92
CA ALA A 99 2.85 2.85 -9.38
C ALA A 99 3.80 3.70 -8.54
N LEU A 100 4.62 4.50 -9.21
CA LEU A 100 5.55 5.48 -8.58
C LEU A 100 5.12 7.06 -8.60
N LEU A 101 5.36 7.78 -7.50
CA LEU A 101 5.16 9.20 -7.48
C LEU A 101 6.37 9.85 -6.99
N LYS A 102 6.86 10.74 -7.76
CA LYS A 102 7.95 11.59 -7.48
C LYS A 102 7.45 12.74 -6.73
N ILE A 103 7.75 12.84 -5.49
CA ILE A 103 7.29 14.00 -4.73
C ILE A 103 8.20 15.12 -4.95
N ARG A 104 7.94 16.24 -4.31
CA ARG A 104 8.65 17.52 -4.60
C ARG A 104 8.00 18.44 -3.69
N SER A 105 8.69 18.89 -2.67
CA SER A 105 7.98 19.90 -1.84
C SER A 105 7.75 21.12 -2.75
N LYS A 106 6.88 22.11 -2.28
CA LYS A 106 6.54 23.26 -3.19
C LYS A 106 7.74 23.98 -3.76
N GLU A 107 8.94 23.67 -3.13
CA GLU A 107 10.33 24.01 -3.30
C GLU A 107 11.26 23.18 -4.21
N GLY A 108 10.77 22.16 -4.82
CA GLY A 108 11.62 21.42 -5.75
C GLY A 108 12.43 20.26 -5.21
N ARG A 109 12.27 19.92 -3.94
CA ARG A 109 13.17 18.95 -3.34
C ARG A 109 12.41 17.80 -2.70
N CYS A 110 12.97 16.57 -2.82
CA CYS A 110 12.62 15.25 -2.14
C CYS A 110 12.60 15.42 -0.56
N ALA A 111 12.22 14.41 0.22
CA ALA A 111 12.11 14.74 1.65
C ALA A 111 13.16 14.47 2.73
N GLN A 112 12.96 15.13 3.88
CA GLN A 112 14.10 15.16 4.74
C GLN A 112 13.85 14.06 5.71
N PRO A 113 14.77 13.06 5.75
CA PRO A 113 14.60 11.81 6.42
C PRO A 113 14.68 12.04 7.89
N SER A 114 13.57 12.37 8.45
CA SER A 114 13.53 12.80 9.78
C SER A 114 13.59 11.61 10.73
N ARG A 115 12.75 11.67 11.79
CA ARG A 115 12.37 10.80 12.91
C ARG A 115 11.01 10.20 12.41
N THR A 116 10.19 11.06 11.83
CA THR A 116 8.93 10.63 11.44
C THR A 116 8.86 10.40 9.87
N ILE A 117 10.03 10.17 9.23
CA ILE A 117 10.08 10.08 7.76
C ILE A 117 11.31 9.14 7.27
N GLN A 118 11.14 7.84 7.28
CA GLN A 118 12.11 6.93 6.75
C GLN A 118 11.73 6.27 5.43
N THR A 119 12.72 5.94 4.67
CA THR A 119 12.55 4.98 3.65
C THR A 119 12.26 3.61 4.31
N ILE A 120 11.76 2.62 3.49
CA ILE A 120 11.80 1.16 3.78
C ILE A 120 12.45 0.56 2.59
N ALA A 121 13.29 -0.43 2.84
CA ALA A 121 14.01 -1.11 1.72
C ALA A 121 13.19 -1.98 0.73
N LEU A 122 13.57 -1.98 -0.53
CA LEU A 122 12.97 -2.84 -1.48
C LEU A 122 13.32 -4.30 -1.06
N PRO A 123 12.63 -5.46 -1.40
CA PRO A 123 13.21 -6.83 -1.34
C PRO A 123 14.41 -7.05 -2.24
N SER A 124 15.03 -8.16 -2.07
CA SER A 124 16.05 -8.52 -3.01
C SER A 124 15.32 -9.40 -4.07
N MET A 125 16.06 -9.89 -5.13
CA MET A 125 15.41 -10.68 -6.23
C MET A 125 15.20 -12.07 -5.65
N TYR A 126 14.27 -12.87 -6.25
CA TYR A 126 13.94 -14.25 -5.80
C TYR A 126 14.22 -14.60 -4.30
N ASN A 127 13.67 -13.78 -3.37
CA ASN A 127 13.75 -13.89 -1.91
C ASN A 127 12.60 -13.16 -1.21
N ASP A 128 11.59 -13.92 -0.94
CA ASP A 128 10.36 -13.59 -0.27
C ASP A 128 10.21 -14.58 0.80
N PRO A 129 9.96 -14.05 1.99
CA PRO A 129 9.74 -14.88 3.14
C PRO A 129 8.56 -15.79 2.78
N GLN A 130 8.57 -16.96 3.40
CA GLN A 130 7.85 -18.23 3.16
C GLN A 130 6.50 -18.20 3.87
N PHE A 131 5.60 -19.07 3.45
CA PHE A 131 4.29 -19.08 4.03
C PHE A 131 4.37 -19.14 5.50
N GLY A 132 3.40 -18.56 6.15
CA GLY A 132 3.39 -18.58 7.60
C GLY A 132 4.18 -17.49 8.31
N THR A 133 4.91 -16.65 7.56
CA THR A 133 5.53 -15.49 8.14
C THR A 133 4.49 -14.43 8.48
N SER A 134 4.65 -13.78 9.61
CA SER A 134 3.72 -12.70 9.95
C SER A 134 4.35 -11.48 9.32
N CYS A 135 3.58 -10.77 8.53
CA CYS A 135 4.08 -9.49 8.13
C CYS A 135 3.07 -8.45 8.66
N GLU A 136 3.15 -7.16 8.19
CA GLU A 136 2.22 -6.10 8.72
C GLU A 136 1.70 -5.11 7.73
N ILE A 137 0.51 -4.63 8.00
CA ILE A 137 -0.06 -3.67 7.08
C ILE A 137 -0.44 -2.34 7.73
N THR A 138 -0.36 -1.29 6.99
CA THR A 138 -0.78 -0.03 7.51
C THR A 138 -1.74 0.68 6.51
N GLY A 139 -2.73 1.29 6.98
CA GLY A 139 -3.57 2.07 6.11
C GLY A 139 -4.60 2.72 6.99
N PHE A 140 -5.48 3.47 6.38
CA PHE A 140 -6.49 4.29 6.99
C PHE A 140 -7.73 3.64 6.33
N GLY A 141 -7.77 2.29 6.22
CA GLY A 141 -8.82 1.65 5.46
C GLY A 141 -10.09 1.51 6.27
N LYS A 142 -11.23 1.26 5.59
CA LYS A 142 -12.45 1.03 6.31
C LYS A 142 -12.16 -0.01 7.41
N GLU A 143 -12.82 0.15 8.58
CA GLU A 143 -12.71 -0.71 9.74
C GLU A 143 -13.57 -1.87 9.64
N ASN A 144 -14.69 -1.70 8.91
CA ASN A 144 -15.80 -2.63 8.74
C ASN A 144 -16.21 -2.35 7.29
N SER A 145 -16.62 -3.38 6.53
CA SER A 145 -16.99 -3.11 5.11
C SER A 145 -18.23 -2.21 4.93
N THR A 146 -19.05 -2.25 5.93
CA THR A 146 -20.35 -1.74 6.01
C THR A 146 -20.20 -0.26 6.24
N ASP A 147 -19.05 0.13 6.78
CA ASP A 147 -18.65 1.50 7.01
C ASP A 147 -18.50 2.18 5.61
N TYR A 148 -18.81 3.51 5.54
CA TYR A 148 -18.61 4.36 4.35
C TYR A 148 -17.66 5.61 4.58
N LEU A 149 -17.17 5.77 5.87
CA LEU A 149 -16.09 6.68 6.33
C LEU A 149 -14.85 5.88 6.65
N TYR A 150 -13.71 6.34 6.19
CA TYR A 150 -12.44 5.75 6.61
C TYR A 150 -12.13 6.19 8.01
N PRO A 151 -11.51 5.40 8.89
CA PRO A 151 -11.20 5.75 10.27
C PRO A 151 -10.36 7.01 10.40
N GLU A 152 -10.54 7.72 11.49
CA GLU A 152 -9.72 8.87 11.63
C GLU A 152 -8.28 8.70 12.29
N GLN A 153 -8.00 7.52 12.91
CA GLN A 153 -6.59 7.40 13.32
C GLN A 153 -5.95 6.40 12.44
N LEU A 154 -4.62 6.31 12.42
CA LEU A 154 -4.09 5.37 11.46
C LEU A 154 -4.18 3.95 12.01
N LYS A 155 -4.27 2.91 11.11
CA LYS A 155 -4.33 1.51 11.67
C LYS A 155 -3.24 0.62 11.15
N MET A 156 -2.84 -0.37 11.99
CA MET A 156 -1.77 -1.31 11.64
C MET A 156 -2.23 -2.66 12.07
N THR A 157 -1.84 -3.67 11.29
CA THR A 157 -2.12 -5.02 11.75
C THR A 157 -1.10 -5.96 11.19
N VAL A 158 -1.22 -7.20 11.56
CA VAL A 158 -0.26 -8.16 11.17
C VAL A 158 -1.03 -9.40 10.71
N VAL A 159 -0.41 -10.09 9.75
CA VAL A 159 -1.12 -10.92 8.90
C VAL A 159 -0.19 -11.96 8.30
N LYS A 160 -0.60 -13.21 8.42
CA LYS A 160 0.19 -14.33 7.98
C LYS A 160 0.03 -14.55 6.52
N LEU A 161 1.05 -15.09 5.96
CA LEU A 161 1.27 -15.24 4.52
C LEU A 161 0.84 -16.60 3.86
N ILE A 162 0.13 -16.51 2.74
CA ILE A 162 -0.33 -17.78 2.26
C ILE A 162 0.49 -18.18 1.06
N SER A 163 0.56 -19.48 0.81
CA SER A 163 1.26 -20.13 -0.27
C SER A 163 0.29 -20.08 -1.47
N HIS A 164 0.83 -19.89 -2.70
CA HIS A 164 -0.02 -19.84 -3.97
C HIS A 164 -0.93 -21.17 -4.17
N ARG A 165 -0.38 -22.37 -3.85
CA ARG A 165 -1.20 -23.58 -3.98
C ARG A 165 -2.40 -23.55 -3.01
N GLU A 166 -2.22 -22.95 -1.81
CA GLU A 166 -3.30 -22.89 -0.85
C GLU A 166 -4.30 -21.88 -1.24
N CYS A 167 -3.80 -20.73 -1.83
CA CYS A 167 -4.60 -19.60 -2.21
C CYS A 167 -5.21 -19.80 -3.54
N GLN A 168 -4.64 -20.70 -4.31
CA GLN A 168 -5.40 -21.15 -5.46
C GLN A 168 -6.41 -22.26 -5.14
N GLN A 169 -6.77 -22.42 -3.83
CA GLN A 169 -7.78 -23.38 -3.46
C GLN A 169 -8.88 -22.82 -4.31
N PRO A 170 -9.59 -23.60 -5.04
CA PRO A 170 -10.70 -23.20 -5.82
C PRO A 170 -11.82 -22.81 -4.95
N HIS A 171 -11.64 -23.05 -3.67
CA HIS A 171 -12.63 -22.63 -2.67
C HIS A 171 -12.35 -21.10 -2.27
N TYR A 172 -11.03 -20.62 -2.56
CA TYR A 172 -10.31 -19.25 -2.49
C TYR A 172 -10.30 -18.37 -3.82
N TYR A 173 -9.16 -18.28 -4.51
CA TYR A 173 -9.13 -17.45 -5.74
C TYR A 173 -8.83 -18.21 -7.09
N GLY A 174 -8.81 -19.53 -7.06
CA GLY A 174 -8.64 -20.31 -8.28
C GLY A 174 -7.32 -20.02 -8.94
N SER A 175 -7.34 -20.00 -10.29
CA SER A 175 -6.17 -19.67 -11.14
C SER A 175 -5.97 -18.06 -11.29
N GLU A 176 -6.52 -17.32 -10.29
CA GLU A 176 -6.49 -15.93 -10.51
C GLU A 176 -5.58 -15.15 -9.60
N VAL A 177 -5.12 -15.78 -8.48
CA VAL A 177 -3.89 -15.17 -8.04
C VAL A 177 -2.93 -15.86 -9.03
N THR A 178 -1.74 -15.37 -9.17
CA THR A 178 -0.74 -15.99 -9.99
C THR A 178 0.58 -15.68 -9.33
N THR A 179 1.70 -15.89 -10.13
CA THR A 179 2.97 -16.15 -9.46
C THR A 179 3.40 -14.89 -8.83
N LYS A 180 2.91 -13.74 -9.42
CA LYS A 180 3.28 -12.35 -9.04
C LYS A 180 2.28 -11.62 -8.13
N MET A 181 1.53 -12.38 -7.34
CA MET A 181 0.42 -11.75 -6.63
C MET A 181 0.64 -12.60 -5.44
N LEU A 182 0.57 -11.99 -4.26
CA LEU A 182 0.86 -12.61 -2.93
C LEU A 182 -0.31 -12.48 -1.98
N CYS A 183 -0.83 -13.64 -1.55
CA CYS A 183 -1.96 -13.77 -0.63
C CYS A 183 -1.34 -13.73 0.75
N ALA A 184 -2.18 -13.43 1.78
CA ALA A 184 -1.81 -13.40 3.24
C ALA A 184 -3.08 -13.21 3.95
N ALA A 185 -3.22 -13.82 5.06
CA ALA A 185 -4.21 -13.46 6.06
C ALA A 185 -4.10 -14.29 7.27
N ASP A 186 -4.72 -13.78 8.34
CA ASP A 186 -4.68 -14.21 9.74
C ASP A 186 -5.48 -15.40 9.59
N PRO A 187 -5.04 -16.48 10.18
CA PRO A 187 -5.83 -17.77 10.19
C PRO A 187 -7.35 -17.71 10.50
N GLN A 188 -8.13 -18.14 9.54
CA GLN A 188 -9.23 -17.29 9.10
C GLN A 188 -10.08 -16.29 9.91
N TRP A 189 -10.69 -15.40 9.15
CA TRP A 189 -11.77 -14.48 9.39
C TRP A 189 -11.59 -13.14 10.06
N LYS A 190 -10.51 -12.96 10.87
CA LYS A 190 -10.71 -11.77 11.77
C LYS A 190 -10.09 -10.38 11.68
N THR A 191 -8.90 -10.30 11.02
CA THR A 191 -8.23 -9.04 10.76
C THR A 191 -7.85 -9.06 9.29
N ASP A 192 -7.69 -7.88 8.68
CA ASP A 192 -7.44 -7.86 7.21
C ASP A 192 -7.41 -6.47 6.66
N SER A 193 -7.14 -6.35 5.38
CA SER A 193 -7.23 -5.01 4.83
C SER A 193 -8.67 -4.78 4.31
N CYS A 194 -8.83 -3.79 3.43
CA CYS A 194 -10.17 -3.39 3.16
C CYS A 194 -9.98 -2.36 2.10
N GLN A 195 -10.99 -1.52 1.95
CA GLN A 195 -11.08 -0.41 1.06
C GLN A 195 -10.21 0.74 1.46
N GLY A 196 -9.69 1.46 0.44
CA GLY A 196 -8.88 2.63 0.67
C GLY A 196 -7.73 2.32 1.60
N ASP A 197 -7.02 1.29 1.32
CA ASP A 197 -5.92 0.88 2.12
C ASP A 197 -4.95 0.55 1.03
N SER A 198 -5.49 0.21 -0.20
CA SER A 198 -4.55 -0.37 -1.13
C SER A 198 -3.56 0.71 -1.56
N GLY A 199 -2.36 0.32 -1.93
CA GLY A 199 -1.26 1.26 -2.00
C GLY A 199 -0.49 1.23 -0.68
N GLY A 200 -1.15 0.68 0.40
CA GLY A 200 -0.47 0.44 1.67
C GLY A 200 0.62 -0.60 1.58
N PRO A 201 1.43 -0.73 2.64
CA PRO A 201 2.49 -1.64 2.71
C PRO A 201 2.32 -2.91 3.39
N LEU A 202 2.97 -3.95 2.82
CA LEU A 202 3.09 -5.29 3.48
C LEU A 202 4.58 -5.40 3.61
N VAL A 203 5.00 -5.39 4.86
CA VAL A 203 6.34 -5.24 5.35
C VAL A 203 6.81 -6.43 6.16
N CYS A 204 7.51 -7.35 5.52
CA CYS A 204 7.82 -8.62 6.23
C CYS A 204 9.22 -8.42 6.76
N SER A 205 9.54 -9.20 7.85
CA SER A 205 10.89 -9.25 8.36
C SER A 205 11.76 -10.31 7.58
N LEU A 206 12.81 -9.82 6.78
CA LEU A 206 13.87 -10.61 6.00
C LEU A 206 15.35 -10.39 6.51
N GLN A 207 15.91 -11.41 7.29
CA GLN A 207 17.26 -11.46 7.99
C GLN A 207 17.43 -10.54 9.31
N GLY A 208 16.58 -9.57 9.41
CA GLY A 208 16.77 -8.49 10.35
C GLY A 208 15.85 -7.38 9.89
N ARG A 209 16.00 -6.97 8.56
CA ARG A 209 15.38 -5.79 7.89
C ARG A 209 13.87 -5.79 7.48
N MET A 210 13.13 -4.73 7.91
CA MET A 210 11.78 -4.41 7.42
C MET A 210 12.09 -4.31 5.92
N THR A 211 11.24 -4.82 5.10
CA THR A 211 11.55 -4.87 3.70
C THR A 211 10.17 -4.80 3.00
N LEU A 212 10.03 -3.92 1.96
CA LEU A 212 8.74 -3.74 1.24
C LEU A 212 8.25 -5.03 0.49
N THR A 213 7.79 -6.02 1.22
CA THR A 213 7.49 -7.30 0.62
C THR A 213 6.34 -7.28 -0.43
N GLY A 214 5.35 -6.36 -0.25
CA GLY A 214 4.22 -6.34 -1.14
C GLY A 214 3.37 -5.10 -0.98
N ILE A 215 2.51 -4.82 -1.95
CA ILE A 215 1.79 -3.54 -1.96
C ILE A 215 0.26 -3.90 -1.91
N VAL A 216 -0.55 -3.27 -1.06
CA VAL A 216 -1.93 -3.83 -1.04
C VAL A 216 -2.66 -3.49 -2.30
N SER A 217 -3.42 -4.47 -2.83
CA SER A 217 -4.14 -4.36 -4.14
C SER A 217 -5.63 -4.69 -4.30
N TRP A 218 -6.05 -5.93 -3.94
CA TRP A 218 -7.46 -6.37 -3.98
C TRP A 218 -7.75 -7.50 -3.01
N GLY A 219 -9.02 -8.03 -3.08
CA GLY A 219 -9.48 -9.07 -2.17
C GLY A 219 -10.98 -8.97 -2.14
N ARG A 220 -11.68 -10.08 -1.92
CA ARG A 220 -13.17 -10.09 -2.19
C ARG A 220 -13.72 -10.03 -0.81
N GLY A 221 -14.30 -8.89 -0.50
CA GLY A 221 -14.65 -8.56 0.88
C GLY A 221 -13.40 -8.33 1.70
N CYS A 222 -13.62 -7.89 2.90
CA CYS A 222 -12.62 -7.59 3.85
C CYS A 222 -13.03 -8.53 4.96
N ALA A 223 -12.06 -9.45 5.34
CA ALA A 223 -12.14 -10.43 6.50
C ALA A 223 -13.00 -11.73 6.42
N LEU A 224 -12.85 -12.46 5.28
CA LEU A 224 -13.70 -13.49 4.77
C LEU A 224 -13.11 -14.85 4.71
N LYS A 225 -13.82 -15.80 5.27
CA LYS A 225 -13.42 -17.14 5.34
C LYS A 225 -13.19 -17.49 3.90
N ASP A 226 -11.91 -17.67 3.55
CA ASP A 226 -11.40 -18.18 2.26
C ASP A 226 -11.00 -17.19 1.21
N LYS A 227 -11.09 -15.92 1.54
CA LYS A 227 -10.83 -14.77 0.76
C LYS A 227 -9.62 -13.97 1.22
N PRO A 228 -8.39 -14.39 0.88
CA PRO A 228 -7.14 -13.64 1.16
C PRO A 228 -7.14 -12.25 0.56
N GLY A 229 -6.38 -11.36 1.21
CA GLY A 229 -6.05 -10.08 0.63
C GLY A 229 -4.84 -10.38 -0.21
N VAL A 230 -4.73 -9.76 -1.39
CA VAL A 230 -3.62 -10.11 -2.20
C VAL A 230 -2.86 -8.83 -2.35
N TYR A 231 -1.55 -8.97 -2.48
CA TYR A 231 -0.65 -7.90 -2.40
C TYR A 231 0.31 -8.12 -3.51
N THR A 232 0.64 -7.07 -4.29
CA THR A 232 1.66 -7.25 -5.32
C THR A 232 2.98 -7.78 -4.77
N ARG A 233 3.69 -8.53 -5.58
CA ARG A 233 4.82 -9.33 -5.07
C ARG A 233 6.04 -8.57 -5.60
N VAL A 234 6.59 -7.65 -4.72
CA VAL A 234 7.62 -6.65 -5.03
C VAL A 234 8.87 -7.09 -5.69
N SER A 235 9.40 -8.28 -5.33
CA SER A 235 10.65 -8.68 -6.05
C SER A 235 10.48 -9.01 -7.52
N HIS A 236 9.26 -9.21 -7.96
CA HIS A 236 9.09 -9.46 -9.35
C HIS A 236 9.08 -8.16 -10.05
N PHE A 237 9.29 -7.08 -9.32
CA PHE A 237 9.23 -5.85 -10.05
C PHE A 237 10.45 -4.98 -10.00
N LEU A 238 11.45 -5.35 -9.24
CA LEU A 238 12.63 -4.52 -9.17
C LEU A 238 13.32 -4.01 -10.45
N PRO A 239 13.35 -4.69 -11.63
CA PRO A 239 13.73 -4.03 -12.94
C PRO A 239 12.95 -2.68 -13.20
N TRP A 240 11.65 -2.75 -13.44
CA TRP A 240 10.70 -1.72 -13.72
C TRP A 240 10.90 -0.69 -12.71
N ILE A 241 11.07 -1.10 -11.47
CA ILE A 241 11.27 -0.13 -10.46
C ILE A 241 12.56 0.67 -10.53
N ARG A 242 13.58 0.17 -11.19
CA ARG A 242 14.74 0.99 -11.40
C ARG A 242 14.78 1.67 -12.74
N SER A 243 14.07 1.13 -13.72
CA SER A 243 14.18 1.63 -15.08
C SER A 243 13.13 2.59 -15.40
N HIS A 244 12.33 3.00 -14.36
CA HIS A 244 11.25 4.05 -14.49
C HIS A 244 11.46 5.00 -13.30
N THR A 245 12.67 4.90 -12.68
CA THR A 245 13.14 5.45 -11.45
C THR A 245 14.60 6.08 -11.67
S SO4 B . -9.52 0.56 -3.23
O1 SO4 B . -8.74 1.70 -3.75
O2 SO4 B . -9.67 -0.44 -4.27
O3 SO4 B . -10.85 0.91 -2.77
O4 SO4 B . -8.89 0.03 -2.07
C1 172 C . -9.56 -3.66 -0.94
C2 172 C . -10.20 -4.79 -0.47
C3 172 C . -9.45 -5.67 0.22
C4 172 C . -8.22 -5.51 0.46
C5 172 C . -7.49 -4.47 0.04
C6 172 C . -8.18 -3.48 -0.70
N10 172 C . -9.99 -6.82 0.69
C11 172 C . -8.85 -7.39 1.29
N12 172 C . -7.69 -6.57 1.16
N14 172 C . -8.87 -8.59 1.93
O17 172 C . -10.25 -2.74 -1.66
#